data_6CT5
#
_entry.id   6CT5
#
_cell.length_a   134.863
_cell.length_b   63.408
_cell.length_c   79.267
_cell.angle_alpha   90.000
_cell.angle_beta   123.149
_cell.angle_gamma   90.000
#
_symmetry.space_group_name_H-M   'C 1 2 1'
#
loop_
_entity.id
_entity.type
_entity.pdbx_description
1 polymer "4'-phosphopantetheinyl transferase"
2 non-polymer 'COENZYME A'
3 non-polymer "N-(2,6-diethylphenyl)-N'-(N-ethylcarbamimidoyl)urea"
4 non-polymer 'MAGNESIUM ION'
5 non-polymer GLYCEROL
6 non-polymer 'DIMETHYL SULFOXIDE'
7 water water
#
_entity_poly.entity_id   1
_entity_poly.type   'polypeptide(L)'
_entity_poly.pdbx_seq_one_letter_code
;MTVGTLVASVLPATVFEDLAYAELYSDPPGLTPLPEEAPLIARSVAKRRNEFITVRHCARIALDQLGVPPAPILKGDKGE
PCWPDGMVGSLTHCAGYRGAVVGRRDAVRSVGIDAEPHDVLPNGVLDAISLPAERADMPRTMPAALHWDRILFCAKEATY
KAWFPLTKRWLGFEDAHITFETDSTGWTGRFVSRILIDGSTLSGPPLTTLRGRWSVERGLVLTAIVLAGENLYFQSAGHH
HHHH
;
_entity_poly.pdbx_strand_id   A,B
#
# COMPACT_ATOMS: atom_id res chain seq x y z
N THR A 5 -14.68 11.32 -23.39
CA THR A 5 -14.00 10.42 -22.46
C THR A 5 -13.50 11.18 -21.23
N LEU A 6 -13.28 10.43 -20.15
CA LEU A 6 -12.70 11.04 -18.96
C LEU A 6 -11.22 11.32 -19.16
N VAL A 7 -10.50 10.42 -19.83
CA VAL A 7 -9.06 10.62 -19.88
C VAL A 7 -8.69 11.78 -20.81
N ALA A 8 -9.53 12.13 -21.80
CA ALA A 8 -9.14 13.25 -22.66
C ALA A 8 -8.95 14.53 -21.86
N SER A 9 -9.63 14.65 -20.72
CA SER A 9 -9.51 15.86 -19.91
C SER A 9 -8.13 16.01 -19.27
N VAL A 10 -7.29 14.96 -19.28
CA VAL A 10 -5.95 15.12 -18.70
C VAL A 10 -4.84 14.93 -19.74
N LEU A 11 -5.18 14.98 -21.03
CA LEU A 11 -4.19 14.78 -22.08
C LEU A 11 -3.93 16.06 -22.88
N PRO A 12 -2.71 16.23 -23.45
CA PRO A 12 -2.44 17.42 -24.27
C PRO A 12 -3.23 17.36 -25.59
CA GLU A 17 -1.42 11.64 -34.95
C GLU A 17 -0.40 10.80 -34.17
N ASP A 18 0.03 11.29 -33.01
CA ASP A 18 1.05 10.58 -32.24
C ASP A 18 0.58 10.06 -30.89
N LEU A 19 -0.62 10.38 -30.46
CA LEU A 19 -1.13 9.96 -29.16
C LEU A 19 -2.56 9.48 -29.32
N ALA A 20 -2.92 8.38 -28.65
CA ALA A 20 -4.29 7.88 -28.78
C ALA A 20 -4.71 7.25 -27.45
N TYR A 21 -6.02 7.11 -27.24
CA TYR A 21 -6.54 6.61 -25.97
C TYR A 21 -7.87 5.89 -26.17
N ALA A 22 -8.23 5.05 -25.18
CA ALA A 22 -9.53 4.37 -25.17
C ALA A 22 -9.82 3.98 -23.73
N GLU A 23 -11.10 4.02 -23.35
CA GLU A 23 -11.48 3.69 -21.98
C GLU A 23 -12.84 3.01 -22.02
N LEU A 24 -13.08 2.17 -21.02
CA LEU A 24 -14.37 1.52 -20.81
C LEU A 24 -14.68 1.55 -19.31
N TYR A 25 -15.98 1.45 -18.98
CA TYR A 25 -16.40 1.58 -17.58
C TYR A 25 -16.95 0.29 -17.00
N SER A 26 -16.89 -0.79 -17.76
CA SER A 26 -17.36 -2.08 -17.32
C SER A 26 -16.52 -3.11 -18.05
N ASP A 27 -16.86 -4.38 -17.86
CA ASP A 27 -16.14 -5.45 -18.54
C ASP A 27 -17.08 -6.08 -19.55
N PRO A 28 -16.98 -5.70 -20.82
CA PRO A 28 -17.93 -6.20 -21.81
C PRO A 28 -17.81 -7.70 -21.95
N PRO A 29 -18.94 -8.39 -22.01
CA PRO A 29 -18.91 -9.82 -22.27
C PRO A 29 -18.35 -10.06 -23.67
N GLY A 30 -17.73 -11.21 -23.85
CA GLY A 30 -17.25 -11.59 -25.15
C GLY A 30 -15.82 -11.18 -25.44
N LEU A 31 -15.22 -10.31 -24.63
CA LEU A 31 -13.80 -10.04 -24.80
C LEU A 31 -12.98 -11.22 -24.31
N THR A 32 -11.89 -11.49 -25.00
CA THR A 32 -10.94 -12.52 -24.61
C THR A 32 -9.54 -11.96 -24.66
N PRO A 33 -8.61 -12.55 -23.92
CA PRO A 33 -7.21 -12.17 -24.09
C PRO A 33 -6.66 -12.77 -25.37
N LEU A 34 -5.63 -12.13 -25.90
CA LEU A 34 -4.88 -12.77 -26.98
C LEU A 34 -4.17 -14.01 -26.44
N PRO A 35 -3.88 -14.99 -27.31
CA PRO A 35 -3.23 -16.23 -26.83
C PRO A 35 -1.94 -15.99 -26.04
N GLU A 36 -1.11 -15.05 -26.48
CA GLU A 36 0.13 -14.77 -25.77
C GLU A 36 -0.13 -14.26 -24.36
N GLU A 37 -1.28 -13.60 -24.16
CA GLU A 37 -1.61 -13.01 -22.87
C GLU A 37 -2.26 -14.00 -21.92
N ALA A 38 -2.94 -15.01 -22.47
CA ALA A 38 -3.76 -15.90 -21.64
C ALA A 38 -3.02 -16.53 -20.45
N PRO A 39 -1.77 -17.02 -20.59
CA PRO A 39 -1.11 -17.60 -19.40
C PRO A 39 -0.96 -16.63 -18.24
N LEU A 40 -0.85 -15.33 -18.51
CA LEU A 40 -0.60 -14.38 -17.44
C LEU A 40 -1.77 -14.32 -16.45
N ILE A 41 -2.96 -14.80 -16.84
CA ILE A 41 -4.12 -14.71 -15.96
C ILE A 41 -4.80 -16.07 -15.81
N ALA A 42 -4.13 -17.13 -16.26
CA ALA A 42 -4.73 -18.45 -16.24
C ALA A 42 -5.16 -18.85 -14.83
N ARG A 43 -4.43 -18.43 -13.80
CA ARG A 43 -4.79 -18.80 -12.44
C ARG A 43 -5.41 -17.64 -11.66
N SER A 44 -5.88 -16.60 -12.34
CA SER A 44 -6.33 -15.40 -11.64
C SER A 44 -7.83 -15.45 -11.34
N VAL A 45 -8.23 -14.77 -10.24
CA VAL A 45 -9.64 -14.63 -9.91
C VAL A 45 -10.35 -13.81 -11.01
N ALA A 46 -11.68 -13.95 -11.06
CA ALA A 46 -12.47 -13.38 -12.15
C ALA A 46 -12.28 -11.88 -12.28
N LYS A 47 -12.33 -11.15 -11.16
CA LYS A 47 -12.17 -9.69 -11.19
C LYS A 47 -10.84 -9.30 -11.81
N ARG A 48 -9.75 -10.05 -11.52
CA ARG A 48 -8.47 -9.77 -12.15
C ARG A 48 -8.46 -10.15 -13.64
N ARG A 49 -9.00 -11.32 -13.99
N ARG A 49 -9.01 -11.31 -13.99
CA ARG A 49 -9.15 -11.68 -15.39
CA ARG A 49 -9.10 -11.65 -15.41
C ARG A 49 -9.84 -10.57 -16.16
C ARG A 49 -9.86 -10.59 -16.20
N ASN A 50 -10.99 -10.11 -15.66
CA ASN A 50 -11.81 -9.17 -16.39
C ASN A 50 -11.08 -7.85 -16.63
N GLU A 51 -10.51 -7.27 -15.56
CA GLU A 51 -9.84 -5.97 -15.73
C GLU A 51 -8.66 -6.09 -16.71
N PHE A 52 -7.95 -7.21 -16.65
CA PHE A 52 -6.79 -7.44 -17.51
C PHE A 52 -7.21 -7.50 -18.97
N ILE A 53 -8.26 -8.26 -19.25
CA ILE A 53 -8.76 -8.42 -20.61
C ILE A 53 -9.30 -7.10 -21.15
N THR A 54 -10.10 -6.41 -20.34
CA THR A 54 -10.74 -5.20 -20.83
C THR A 54 -9.73 -4.10 -21.04
N VAL A 55 -8.78 -3.92 -20.09
CA VAL A 55 -7.82 -2.83 -20.29
C VAL A 55 -6.92 -3.10 -21.50
N ARG A 56 -6.61 -4.37 -21.78
CA ARG A 56 -5.80 -4.66 -22.96
C ARG A 56 -6.58 -4.49 -24.26
N HIS A 57 -7.90 -4.72 -24.23
CA HIS A 57 -8.72 -4.34 -25.38
C HIS A 57 -8.67 -2.84 -25.61
N CYS A 58 -8.79 -2.05 -24.53
CA CYS A 58 -8.64 -0.61 -24.66
C CYS A 58 -7.29 -0.25 -25.29
N ALA A 59 -6.22 -0.89 -24.83
CA ALA A 59 -4.91 -0.60 -25.39
C ALA A 59 -4.86 -0.89 -26.88
N ARG A 60 -5.44 -2.02 -27.30
CA ARG A 60 -5.44 -2.35 -28.73
C ARG A 60 -6.30 -1.38 -29.54
N ILE A 61 -7.42 -0.90 -28.98
CA ILE A 61 -8.21 0.13 -29.68
C ILE A 61 -7.38 1.40 -29.85
N ALA A 62 -6.62 1.77 -28.81
CA ALA A 62 -5.75 2.93 -28.92
C ALA A 62 -4.61 2.69 -29.92
N LEU A 63 -3.95 1.53 -29.85
CA LEU A 63 -2.87 1.23 -30.79
C LEU A 63 -3.37 1.19 -32.23
N ASP A 64 -4.62 0.74 -32.42
CA ASP A 64 -5.18 0.71 -33.77
C ASP A 64 -5.25 2.12 -34.38
N GLN A 65 -5.60 3.11 -33.58
N GLN A 65 -5.56 3.12 -33.56
CA GLN A 65 -5.59 4.48 -34.09
CA GLN A 65 -5.61 4.50 -34.01
C GLN A 65 -4.21 4.89 -34.59
C GLN A 65 -4.23 5.04 -34.39
N LEU A 66 -3.15 4.40 -33.94
CA LEU A 66 -1.80 4.74 -34.37
C LEU A 66 -1.30 3.78 -35.45
N GLY A 67 -2.17 2.99 -36.03
CA GLY A 67 -1.81 2.15 -37.16
C GLY A 67 -1.20 0.81 -36.81
N VAL A 68 -1.31 0.37 -35.56
CA VAL A 68 -0.66 -0.85 -35.08
C VAL A 68 -1.65 -2.00 -35.11
N PRO A 69 -1.29 -3.14 -35.69
CA PRO A 69 -2.19 -4.29 -35.67
C PRO A 69 -2.39 -4.80 -34.25
N PRO A 70 -3.52 -5.45 -33.98
CA PRO A 70 -3.75 -6.04 -32.65
C PRO A 70 -2.60 -6.92 -32.23
N ALA A 71 -2.08 -6.64 -31.04
CA ALA A 71 -0.87 -7.26 -30.54
C ALA A 71 -1.04 -7.54 -29.06
N PRO A 72 -0.41 -8.59 -28.54
CA PRO A 72 -0.45 -8.82 -27.10
C PRO A 72 0.36 -7.81 -26.33
N ILE A 73 -0.10 -7.50 -25.12
N ILE A 73 -0.11 -7.46 -25.15
CA ILE A 73 0.58 -6.60 -24.21
CA ILE A 73 0.63 -6.62 -24.23
C ILE A 73 1.06 -7.46 -23.04
C ILE A 73 1.04 -7.52 -23.07
N LEU A 74 2.31 -7.91 -23.07
CA LEU A 74 2.81 -8.76 -22.00
C LEU A 74 3.35 -7.87 -20.88
N LYS A 75 3.91 -8.51 -19.85
CA LYS A 75 4.37 -7.84 -18.64
C LYS A 75 5.84 -8.15 -18.42
N GLY A 76 6.60 -7.13 -18.03
CA GLY A 76 8.01 -7.25 -17.74
C GLY A 76 8.22 -7.71 -16.31
N ASP A 77 9.49 -7.71 -15.90
CA ASP A 77 9.84 -8.30 -14.61
C ASP A 77 9.20 -7.54 -13.45
N LYS A 78 9.05 -6.21 -13.55
CA LYS A 78 8.38 -5.46 -12.50
C LYS A 78 6.91 -5.18 -12.85
N GLY A 79 6.31 -5.99 -13.72
CA GLY A 79 4.91 -5.86 -14.11
C GLY A 79 4.61 -4.84 -15.18
N GLU A 80 5.62 -4.15 -15.66
CA GLU A 80 5.40 -3.07 -16.59
C GLU A 80 4.91 -3.62 -17.92
N PRO A 81 4.01 -2.92 -18.60
CA PRO A 81 3.49 -3.46 -19.86
C PRO A 81 4.54 -3.37 -20.95
N CYS A 82 4.54 -4.39 -21.84
CA CYS A 82 5.46 -4.45 -22.96
C CYS A 82 4.74 -4.06 -24.25
N TRP A 83 5.10 -2.91 -24.82
CA TRP A 83 4.39 -2.36 -25.98
C TRP A 83 5.01 -2.85 -27.28
N PRO A 84 4.25 -2.81 -28.37
CA PRO A 84 4.83 -3.12 -29.69
C PRO A 84 5.96 -2.16 -30.02
N ASP A 85 6.77 -2.56 -30.99
CA ASP A 85 7.94 -1.78 -31.36
C ASP A 85 7.56 -0.37 -31.73
N GLY A 86 8.33 0.59 -31.21
CA GLY A 86 8.11 1.98 -31.53
C GLY A 86 6.95 2.65 -30.77
N MET A 87 6.35 1.96 -29.80
N MET A 87 6.36 1.96 -29.81
CA MET A 87 5.21 2.49 -29.05
CA MET A 87 5.26 2.54 -29.06
C MET A 87 5.50 2.56 -27.56
C MET A 87 5.60 2.64 -27.58
N VAL A 88 4.95 3.59 -26.92
CA VAL A 88 4.96 3.72 -25.45
C VAL A 88 3.50 3.81 -24.97
N GLY A 89 3.30 3.64 -23.67
CA GLY A 89 1.91 3.78 -23.23
C GLY A 89 1.79 3.54 -21.74
N SER A 90 0.56 3.60 -21.26
CA SER A 90 0.25 3.33 -19.84
C SER A 90 -1.16 2.76 -19.74
N LEU A 91 -1.39 1.93 -18.71
CA LEU A 91 -2.66 1.29 -18.42
C LEU A 91 -3.07 1.59 -16.99
N THR A 92 -4.39 1.61 -16.75
CA THR A 92 -4.90 1.68 -15.39
C THR A 92 -6.28 1.06 -15.31
N HIS A 93 -6.59 0.43 -14.16
CA HIS A 93 -7.92 -0.09 -13.89
C HIS A 93 -8.22 0.11 -12.42
N CYS A 94 -9.44 0.57 -12.17
CA CYS A 94 -9.98 0.65 -10.81
C CYS A 94 -11.45 0.34 -10.91
N ALA A 95 -12.15 0.38 -9.79
CA ALA A 95 -13.59 0.17 -9.87
C ALA A 95 -14.21 1.17 -10.83
N GLY A 96 -14.99 0.66 -11.77
CA GLY A 96 -15.71 1.46 -12.73
C GLY A 96 -14.86 2.06 -13.82
N TYR A 97 -13.60 1.61 -14.00
CA TYR A 97 -12.77 2.27 -15.01
C TYR A 97 -11.66 1.35 -15.52
N ARG A 98 -11.49 1.33 -16.85
CA ARG A 98 -10.33 0.74 -17.52
C ARG A 98 -9.87 1.74 -18.57
N GLY A 99 -8.58 2.05 -18.64
CA GLY A 99 -8.13 3.04 -19.61
C GLY A 99 -6.73 2.77 -20.12
N ALA A 100 -6.47 3.18 -21.35
CA ALA A 100 -5.14 3.08 -21.97
C ALA A 100 -4.85 4.35 -22.74
N VAL A 101 -3.61 4.81 -22.65
CA VAL A 101 -3.11 5.90 -23.49
C VAL A 101 -1.81 5.38 -24.11
N VAL A 102 -1.66 5.56 -25.42
CA VAL A 102 -0.47 5.08 -26.10
C VAL A 102 0.09 6.18 -26.99
N GLY A 103 1.39 6.11 -27.26
CA GLY A 103 2.02 7.14 -28.06
C GLY A 103 3.10 6.54 -28.94
N ARG A 104 3.37 7.26 -30.02
CA ARG A 104 4.45 6.93 -30.94
C ARG A 104 5.76 7.40 -30.32
N ARG A 105 6.73 6.47 -30.18
CA ARG A 105 7.92 6.76 -29.36
C ARG A 105 8.74 7.91 -29.93
N ASP A 106 8.72 8.11 -31.26
CA ASP A 106 9.47 9.23 -31.80
C ASP A 106 8.98 10.57 -31.25
N ALA A 107 7.67 10.71 -31.06
CA ALA A 107 7.11 11.96 -30.57
C ALA A 107 6.84 11.95 -29.08
N VAL A 108 6.69 10.77 -28.49
CA VAL A 108 6.25 10.66 -27.10
C VAL A 108 7.27 9.77 -26.39
N ARG A 109 7.99 10.37 -25.43
CA ARG A 109 9.03 9.63 -24.72
C ARG A 109 8.45 8.64 -23.71
N SER A 110 7.39 9.05 -23.01
CA SER A 110 6.78 8.18 -22.01
C SER A 110 5.39 8.72 -21.69
N VAL A 111 4.54 7.81 -21.21
CA VAL A 111 3.18 8.12 -20.73
C VAL A 111 2.97 7.46 -19.38
N GLY A 112 2.31 8.16 -18.45
CA GLY A 112 1.87 7.47 -17.26
C GLY A 112 0.45 7.94 -16.96
N ILE A 113 -0.45 7.02 -16.65
CA ILE A 113 -1.83 7.42 -16.32
C ILE A 113 -2.28 6.69 -15.07
N ASP A 114 -3.29 7.26 -14.40
CA ASP A 114 -3.88 6.54 -13.28
C ASP A 114 -5.33 6.97 -13.09
N ALA A 115 -6.15 6.05 -12.59
CA ALA A 115 -7.55 6.36 -12.28
C ALA A 115 -7.88 5.80 -10.90
N GLU A 116 -8.57 6.59 -10.10
CA GLU A 116 -9.03 6.07 -8.80
C GLU A 116 -10.45 6.55 -8.54
N PRO A 117 -11.20 5.82 -7.72
CA PRO A 117 -12.47 6.39 -7.21
C PRO A 117 -12.21 7.65 -6.42
N HIS A 118 -13.09 8.63 -6.61
CA HIS A 118 -12.92 9.92 -5.95
C HIS A 118 -13.53 9.86 -4.54
N ASP A 119 -12.79 9.18 -3.66
CA ASP A 119 -13.14 8.95 -2.27
C ASP A 119 -11.95 9.34 -1.39
N VAL A 120 -12.22 9.68 -0.11
CA VAL A 120 -11.12 9.85 0.83
C VAL A 120 -10.26 8.57 0.86
N LEU A 121 -8.96 8.76 1.08
CA LEU A 121 -8.10 7.60 1.24
C LEU A 121 -8.45 6.87 2.52
N PRO A 122 -8.30 5.55 2.54
CA PRO A 122 -8.48 4.82 3.81
C PRO A 122 -7.50 5.33 4.86
N ASN A 123 -7.91 5.26 6.14
CA ASN A 123 -7.08 5.80 7.19
C ASN A 123 -5.70 5.16 7.16
N GLY A 124 -4.68 5.99 7.35
CA GLY A 124 -3.28 5.55 7.39
C GLY A 124 -2.57 5.56 6.06
N VAL A 125 -3.30 5.61 4.95
CA VAL A 125 -2.68 5.55 3.61
C VAL A 125 -2.02 6.86 3.23
N LEU A 126 -2.61 7.99 3.60
CA LEU A 126 -2.03 9.28 3.22
C LEU A 126 -0.60 9.42 3.69
N ASP A 127 -0.32 9.07 4.98
CA ASP A 127 1.06 9.24 5.46
C ASP A 127 2.03 8.37 4.68
N ALA A 128 1.55 7.26 4.12
CA ALA A 128 2.43 6.35 3.40
C ALA A 128 2.70 6.80 1.97
N ILE A 129 1.91 7.72 1.42
CA ILE A 129 2.05 8.06 0.01
C ILE A 129 2.41 9.51 -0.21
N SER A 130 2.53 10.31 0.86
CA SER A 130 2.74 11.74 0.72
C SER A 130 3.97 12.19 1.49
N LEU A 131 4.47 13.36 1.07
CA LEU A 131 5.46 14.08 1.87
C LEU A 131 4.75 15.10 2.75
N PRO A 132 5.33 15.43 3.90
CA PRO A 132 4.70 16.47 4.74
C PRO A 132 4.42 17.77 4.00
N ALA A 133 5.31 18.21 3.08
CA ALA A 133 5.05 19.44 2.33
C ALA A 133 3.80 19.35 1.46
N GLU A 134 3.49 18.16 0.93
CA GLU A 134 2.28 18.01 0.12
C GLU A 134 1.04 18.11 0.98
N ARG A 135 1.06 17.50 2.18
CA ARG A 135 -0.09 17.62 3.06
C ARG A 135 -0.32 19.07 3.49
N ALA A 136 0.77 19.84 3.61
CA ALA A 136 0.65 21.25 3.99
C ALA A 136 0.16 22.11 2.82
N ASP A 137 0.58 21.84 1.58
CA ASP A 137 0.35 22.78 0.47
C ASP A 137 -0.90 22.45 -0.33
N MET A 138 -1.27 21.18 -0.42
CA MET A 138 -2.36 20.84 -1.32
C MET A 138 -3.70 21.39 -0.88
N PRO A 139 -4.02 21.41 0.40
CA PRO A 139 -5.26 22.11 0.80
C PRO A 139 -5.33 23.55 0.31
N ARG A 140 -4.20 24.24 0.19
CA ARG A 140 -4.20 25.62 -0.28
C ARG A 140 -4.36 25.76 -1.79
N THR A 141 -4.03 24.72 -2.56
CA THR A 141 -4.02 24.83 -4.02
C THR A 141 -5.20 24.14 -4.69
N MET A 142 -6.00 23.39 -3.94
CA MET A 142 -7.08 22.59 -4.48
C MET A 142 -8.43 23.09 -3.96
N PRO A 143 -9.51 22.90 -4.71
CA PRO A 143 -10.82 23.34 -4.23
C PRO A 143 -11.23 22.61 -2.97
N ALA A 144 -11.94 23.32 -2.08
CA ALA A 144 -12.41 22.68 -0.86
C ALA A 144 -13.29 21.47 -1.20
N ALA A 145 -13.26 20.47 -0.31
CA ALA A 145 -14.09 19.29 -0.29
C ALA A 145 -13.68 18.24 -1.33
N LEU A 146 -12.90 18.60 -2.35
CA LEU A 146 -12.36 17.52 -3.18
C LEU A 146 -11.36 16.69 -2.37
N HIS A 147 -11.20 15.42 -2.74
CA HIS A 147 -10.33 14.52 -1.98
C HIS A 147 -8.89 14.65 -2.48
N TRP A 148 -8.26 15.74 -2.01
CA TRP A 148 -6.89 16.04 -2.48
C TRP A 148 -5.91 14.92 -2.14
N ASP A 149 -6.19 14.18 -1.06
CA ASP A 149 -5.35 13.05 -0.68
C ASP A 149 -5.39 11.96 -1.75
N ARG A 150 -6.60 11.63 -2.23
CA ARG A 150 -6.73 10.65 -3.31
C ARG A 150 -6.15 11.17 -4.63
N ILE A 151 -6.35 12.46 -4.93
CA ILE A 151 -5.81 13.03 -6.17
C ILE A 151 -4.27 13.01 -6.13
N LEU A 152 -3.69 13.38 -5.00
CA LEU A 152 -2.23 13.28 -4.81
C LEU A 152 -1.76 11.87 -5.09
N PHE A 153 -2.41 10.89 -4.48
CA PHE A 153 -2.00 9.50 -4.73
C PHE A 153 -2.08 9.15 -6.22
N CYS A 154 -3.16 9.57 -6.88
N CYS A 154 -3.16 9.55 -6.91
CA CYS A 154 -3.32 9.30 -8.32
CA CYS A 154 -3.24 9.26 -8.35
C CYS A 154 -2.16 9.89 -9.13
C CYS A 154 -2.07 9.85 -9.10
N ALA A 155 -1.72 11.10 -8.79
CA ALA A 155 -0.61 11.73 -9.46
C ALA A 155 0.71 11.00 -9.15
N LYS A 156 0.90 10.52 -7.90
CA LYS A 156 2.10 9.72 -7.60
C LYS A 156 2.13 8.48 -8.50
N GLU A 157 0.95 7.86 -8.74
CA GLU A 157 0.94 6.63 -9.54
C GLU A 157 1.24 6.92 -11.00
N ALA A 158 0.62 7.97 -11.55
CA ALA A 158 0.98 8.36 -12.92
C ALA A 158 2.48 8.68 -13.03
N THR A 159 3.02 9.34 -12.02
CA THR A 159 4.45 9.69 -12.02
C THR A 159 5.33 8.44 -12.11
N TYR A 160 5.06 7.45 -11.27
CA TYR A 160 5.83 6.21 -11.33
C TYR A 160 5.70 5.53 -12.67
N LYS A 161 4.47 5.49 -13.22
CA LYS A 161 4.33 4.75 -14.47
C LYS A 161 5.00 5.45 -15.62
N ALA A 162 5.13 6.78 -15.57
CA ALA A 162 5.88 7.44 -16.63
C ALA A 162 7.38 7.32 -16.41
N TRP A 163 7.78 7.27 -15.14
CA TRP A 163 9.19 7.17 -14.76
C TRP A 163 9.78 5.80 -15.12
N PHE A 164 9.09 4.72 -14.76
CA PHE A 164 9.75 3.42 -14.72
C PHE A 164 10.20 2.93 -16.10
N PRO A 165 9.43 3.09 -17.18
CA PRO A 165 9.94 2.60 -18.48
C PRO A 165 11.21 3.27 -18.91
N LEU A 166 11.50 4.48 -18.39
CA LEU A 166 12.68 5.23 -18.81
C LEU A 166 13.89 4.96 -17.94
N THR A 167 13.67 4.56 -16.68
CA THR A 167 14.76 4.35 -15.72
C THR A 167 14.94 2.89 -15.35
N LYS A 168 13.86 2.12 -15.38
CA LYS A 168 13.78 0.75 -14.87
C LYS A 168 14.20 0.65 -13.42
N ARG A 169 13.98 1.70 -12.64
CA ARG A 169 14.33 1.71 -11.23
C ARG A 169 13.12 2.09 -10.39
N TRP A 170 13.18 1.71 -9.11
CA TRP A 170 12.17 2.11 -8.13
C TRP A 170 12.07 3.63 -8.04
N LEU A 171 10.85 4.09 -7.78
CA LEU A 171 10.60 5.46 -7.32
C LEU A 171 9.67 5.35 -6.12
N GLY A 172 10.12 5.79 -4.94
CA GLY A 172 9.29 5.68 -3.76
C GLY A 172 8.31 6.83 -3.69
N PHE A 173 7.29 6.70 -2.82
CA PHE A 173 6.34 7.80 -2.68
C PHE A 173 6.99 9.04 -2.11
N GLU A 174 8.06 8.88 -1.34
CA GLU A 174 8.79 10.02 -0.80
C GLU A 174 9.82 10.57 -1.79
N ASP A 175 9.99 9.95 -2.95
CA ASP A 175 11.03 10.38 -3.88
C ASP A 175 10.52 11.34 -4.94
N ALA A 176 9.23 11.70 -4.93
CA ALA A 176 8.67 12.67 -5.89
C ALA A 176 7.82 13.65 -5.14
N HIS A 177 8.07 14.92 -5.36
CA HIS A 177 7.36 15.98 -4.66
C HIS A 177 6.45 16.63 -5.68
N ILE A 178 5.15 16.62 -5.42
CA ILE A 178 4.16 17.01 -6.44
C ILE A 178 3.44 18.27 -5.99
N THR A 179 3.52 19.30 -6.83
CA THR A 179 2.84 20.57 -6.64
C THR A 179 1.65 20.66 -7.58
N PHE A 180 0.53 21.18 -7.07
CA PHE A 180 -0.74 21.23 -7.82
C PHE A 180 -1.20 22.66 -8.06
N GLU A 181 -1.89 22.84 -9.18
CA GLU A 181 -2.66 24.04 -9.53
C GLU A 181 -4.04 23.61 -9.95
N THR A 182 -5.02 24.50 -9.81
CA THR A 182 -6.40 24.25 -10.26
C THR A 182 -6.78 25.26 -11.34
N ASP A 183 -7.45 24.75 -12.38
CA ASP A 183 -7.99 25.60 -13.43
C ASP A 183 -9.12 26.47 -12.87
N SER A 184 -9.47 27.51 -13.63
CA SER A 184 -10.55 28.41 -13.20
C SER A 184 -11.88 27.68 -12.97
N THR A 185 -12.12 26.58 -13.69
CA THR A 185 -13.40 25.87 -13.58
C THR A 185 -13.47 24.85 -12.45
N GLY A 186 -12.38 24.59 -11.73
CA GLY A 186 -12.47 24.03 -10.40
C GLY A 186 -12.42 22.53 -10.29
N TRP A 187 -12.54 21.76 -11.37
CA TRP A 187 -12.47 20.32 -11.19
C TRP A 187 -11.36 19.67 -12.04
N THR A 188 -10.49 20.48 -12.62
CA THR A 188 -9.33 20.03 -13.37
C THR A 188 -8.14 20.93 -13.07
N GLY A 189 -6.94 20.45 -13.38
CA GLY A 189 -5.80 21.33 -13.22
C GLY A 189 -4.53 20.63 -13.59
N ARG A 190 -3.42 21.27 -13.26
CA ARG A 190 -2.08 20.80 -13.57
C ARG A 190 -1.37 20.32 -12.31
N PHE A 191 -0.39 19.44 -12.52
CA PHE A 191 0.55 19.16 -11.44
C PHE A 191 1.96 19.05 -12.00
N VAL A 192 2.93 19.24 -11.10
CA VAL A 192 4.32 19.12 -11.47
C VAL A 192 5.00 18.19 -10.46
N SER A 193 5.53 17.06 -10.92
CA SER A 193 6.28 16.13 -10.07
C SER A 193 7.76 16.38 -10.22
N ARG A 194 8.42 16.69 -9.11
CA ARG A 194 9.85 16.91 -9.10
C ARG A 194 10.53 15.72 -8.43
N ILE A 195 11.41 15.07 -9.17
CA ILE A 195 12.11 13.88 -8.71
C ILE A 195 13.24 14.27 -7.74
N LEU A 196 13.25 13.64 -6.58
CA LEU A 196 14.18 13.99 -5.51
C LEU A 196 15.40 13.08 -5.49
N ILE A 197 15.42 12.05 -6.34
CA ILE A 197 16.52 11.10 -6.42
C ILE A 197 17.21 11.18 -7.78
N ASP A 198 18.28 10.41 -7.95
CA ASP A 198 18.99 10.43 -9.23
C ASP A 198 18.03 9.99 -10.36
N GLY A 199 17.94 10.80 -11.40
CA GLY A 199 17.01 10.53 -12.49
C GLY A 199 17.63 10.02 -13.80
N SER A 200 18.83 9.44 -13.73
CA SER A 200 19.45 8.88 -14.94
C SER A 200 18.54 7.90 -15.65
N THR A 201 18.52 8.01 -16.98
CA THR A 201 17.63 7.19 -17.78
C THR A 201 18.44 6.28 -18.70
N LEU A 202 17.76 5.28 -19.28
CA LEU A 202 18.46 4.37 -20.20
C LEU A 202 18.96 5.11 -21.43
N SER A 203 18.29 6.18 -21.84
N SER A 203 18.27 6.16 -21.84
CA SER A 203 18.72 7.00 -22.96
CA SER A 203 18.68 7.01 -22.95
C SER A 203 18.06 8.36 -22.83
C SER A 203 18.12 8.40 -22.71
N GLY A 204 18.73 9.39 -23.34
CA GLY A 204 18.20 10.74 -23.30
C GLY A 204 18.45 11.42 -21.96
N PRO A 205 17.91 12.61 -21.77
CA PRO A 205 18.26 13.39 -20.58
C PRO A 205 17.60 12.84 -19.33
N PRO A 206 18.16 13.15 -18.18
CA PRO A 206 17.63 12.59 -16.94
C PRO A 206 16.26 13.17 -16.60
N LEU A 207 15.48 12.37 -15.88
CA LEU A 207 14.13 12.79 -15.47
C LEU A 207 14.22 13.59 -14.17
N THR A 208 13.88 14.89 -14.22
N THR A 208 13.87 14.87 -14.24
CA THR A 208 13.83 15.71 -13.02
CA THR A 208 13.89 15.77 -13.10
C THR A 208 12.47 16.33 -12.77
C THR A 208 12.52 16.37 -12.80
N THR A 209 11.76 16.71 -13.84
CA THR A 209 10.47 17.36 -13.69
C THR A 209 9.51 16.70 -14.67
N LEU A 210 8.37 16.25 -14.16
CA LEU A 210 7.34 15.65 -15.01
C LEU A 210 6.06 16.43 -14.81
N ARG A 211 5.52 17.00 -15.88
CA ARG A 211 4.30 17.80 -15.79
C ARG A 211 3.11 16.95 -16.22
N GLY A 212 2.02 17.03 -15.44
CA GLY A 212 0.83 16.26 -15.71
C GLY A 212 -0.43 17.09 -15.51
N ARG A 213 -1.56 16.40 -15.68
CA ARG A 213 -2.89 16.99 -15.47
C ARG A 213 -3.73 16.06 -14.63
N TRP A 214 -4.67 16.65 -13.90
CA TRP A 214 -5.62 15.91 -13.10
C TRP A 214 -7.05 16.37 -13.41
N SER A 215 -7.98 15.49 -13.12
CA SER A 215 -9.40 15.79 -13.34
C SER A 215 -10.25 14.93 -12.40
N VAL A 216 -11.30 15.55 -11.85
CA VAL A 216 -12.30 14.82 -11.10
C VAL A 216 -13.62 14.93 -11.85
N GLU A 217 -14.22 13.78 -12.15
CA GLU A 217 -15.43 13.75 -12.97
C GLU A 217 -16.09 12.40 -12.85
N ARG A 218 -17.42 12.40 -12.64
N ARG A 218 -17.42 12.39 -12.61
CA ARG A 218 -18.22 11.18 -12.54
CA ARG A 218 -18.22 11.16 -12.55
C ARG A 218 -17.70 10.20 -11.48
C ARG A 218 -17.76 10.20 -11.45
N GLY A 219 -17.30 10.74 -10.33
CA GLY A 219 -16.89 9.88 -9.23
C GLY A 219 -15.49 9.29 -9.39
N LEU A 220 -14.72 9.76 -10.37
CA LEU A 220 -13.37 9.25 -10.62
C LEU A 220 -12.35 10.37 -10.66
N VAL A 221 -11.14 10.05 -10.20
CA VAL A 221 -9.98 10.91 -10.43
C VAL A 221 -9.22 10.31 -11.58
N LEU A 222 -8.86 11.13 -12.56
CA LEU A 222 -7.94 10.73 -13.63
C LEU A 222 -6.68 11.59 -13.55
N THR A 223 -5.52 10.97 -13.73
CA THR A 223 -4.30 11.75 -13.91
C THR A 223 -3.50 11.24 -15.11
N ALA A 224 -2.76 12.13 -15.76
CA ALA A 224 -1.90 11.67 -16.86
C ALA A 224 -0.67 12.55 -16.99
N ILE A 225 0.42 11.89 -17.39
CA ILE A 225 1.67 12.56 -17.78
C ILE A 225 2.03 12.07 -19.18
N VAL A 226 2.31 13.01 -20.08
CA VAL A 226 2.79 12.68 -21.42
C VAL A 226 4.09 13.46 -21.60
N LEU A 227 5.20 12.75 -21.65
CA LEU A 227 6.52 13.37 -21.78
C LEU A 227 6.87 13.43 -23.27
N ALA A 228 7.14 14.62 -23.77
CA ALA A 228 7.47 14.77 -25.18
C ALA A 228 8.81 14.11 -25.52
N GLY A 229 8.87 13.51 -26.70
CA GLY A 229 10.08 12.86 -27.16
C GLY A 229 10.97 13.83 -27.89
N THR B 5 -3.18 -20.97 21.24
CA THR B 5 -3.36 -19.84 20.34
C THR B 5 -2.16 -19.63 19.40
N LEU B 6 -2.43 -18.90 18.31
CA LEU B 6 -1.36 -18.59 17.36
C LEU B 6 -0.40 -17.53 17.92
N VAL B 7 -0.94 -16.50 18.58
CA VAL B 7 -0.04 -15.42 18.99
C VAL B 7 0.90 -15.85 20.12
N ALA B 8 0.55 -16.86 20.95
CA ALA B 8 1.50 -17.26 21.99
C ALA B 8 2.83 -17.68 21.40
N SER B 9 2.82 -18.20 20.16
CA SER B 9 4.04 -18.68 19.54
C SER B 9 5.01 -17.56 19.22
N VAL B 10 4.57 -16.31 19.24
CA VAL B 10 5.43 -15.17 18.99
C VAL B 10 5.64 -14.29 20.21
N LEU B 11 5.25 -14.76 21.40
CA LEU B 11 5.40 -13.95 22.59
C LEU B 11 6.45 -14.58 23.53
N PRO B 12 7.12 -13.78 24.36
CA PRO B 12 8.11 -14.33 25.32
C PRO B 12 7.46 -15.15 26.42
N GLU B 17 2.84 -12.30 34.42
CA GLU B 17 1.81 -11.55 35.12
C GLU B 17 1.68 -10.12 34.60
N ASP B 18 2.50 -9.80 33.60
CA ASP B 18 2.55 -8.45 33.04
C ASP B 18 2.13 -8.40 31.58
N LEU B 19 1.85 -9.53 30.94
CA LEU B 19 1.49 -9.60 29.53
C LEU B 19 0.32 -10.56 29.35
N ALA B 20 -0.63 -10.22 28.49
CA ALA B 20 -1.79 -11.08 28.28
C ALA B 20 -2.24 -10.94 26.84
N TYR B 21 -2.99 -11.94 26.35
CA TYR B 21 -3.40 -11.93 24.95
C TYR B 21 -4.74 -12.63 24.80
N ALA B 22 -5.39 -12.35 23.66
CA ALA B 22 -6.63 -13.04 23.31
C ALA B 22 -6.83 -12.93 21.81
N GLU B 23 -7.33 -13.99 21.21
CA GLU B 23 -7.55 -13.95 19.77
C GLU B 23 -8.81 -14.75 19.42
N LEU B 24 -9.42 -14.36 18.32
CA LEU B 24 -10.59 -15.06 17.79
C LEU B 24 -10.42 -15.19 16.27
N TYR B 25 -11.07 -16.18 15.68
CA TYR B 25 -10.91 -16.45 14.25
C TYR B 25 -12.18 -16.20 13.44
N SER B 26 -13.22 -15.73 14.08
CA SER B 26 -14.48 -15.40 13.43
C SER B 26 -15.05 -14.24 14.23
N ASP B 27 -16.26 -13.82 13.87
CA ASP B 27 -16.88 -12.71 14.59
C ASP B 27 -18.09 -13.25 15.32
N PRO B 28 -18.00 -13.50 16.62
CA PRO B 28 -19.11 -14.10 17.34
C PRO B 28 -20.34 -13.22 17.25
N PRO B 29 -21.47 -13.79 16.88
CA PRO B 29 -22.69 -13.00 16.84
C PRO B 29 -23.02 -12.55 18.26
N GLY B 30 -23.67 -11.41 18.35
CA GLY B 30 -24.09 -10.94 19.65
C GLY B 30 -23.12 -10.04 20.35
N LEU B 31 -21.87 -9.95 19.88
CA LEU B 31 -20.98 -8.94 20.44
C LEU B 31 -21.41 -7.56 19.96
N THR B 32 -21.28 -6.59 20.86
CA THR B 32 -21.56 -5.20 20.58
C THR B 32 -20.36 -4.38 20.98
N PRO B 33 -20.18 -3.21 20.40
CA PRO B 33 -19.18 -2.28 20.91
C PRO B 33 -19.67 -1.67 22.20
N LEU B 34 -18.74 -1.16 22.99
CA LEU B 34 -19.15 -0.33 24.11
C LEU B 34 -19.78 0.97 23.58
N PRO B 35 -20.64 1.61 24.38
CA PRO B 35 -21.28 2.86 23.90
C PRO B 35 -20.31 3.91 23.40
N GLU B 36 -19.16 4.07 24.08
CA GLU B 36 -18.15 5.05 23.67
C GLU B 36 -17.54 4.70 22.32
N GLU B 37 -17.52 3.41 21.97
CA GLU B 37 -16.90 2.96 20.72
C GLU B 37 -17.85 3.06 19.54
N ALA B 38 -19.17 2.95 19.78
CA ALA B 38 -20.12 2.89 18.67
C ALA B 38 -19.96 4.03 17.66
N PRO B 39 -19.78 5.31 18.06
CA PRO B 39 -19.67 6.36 17.04
C PRO B 39 -18.56 6.13 16.04
N LEU B 40 -17.45 5.51 16.46
CA LEU B 40 -16.32 5.32 15.55
C LEU B 40 -16.66 4.45 14.36
N ILE B 41 -17.76 3.69 14.40
CA ILE B 41 -18.09 2.79 13.29
C ILE B 41 -19.54 2.92 12.86
N ALA B 42 -20.23 3.97 13.31
CA ALA B 42 -21.67 4.10 13.06
C ALA B 42 -22.01 4.02 11.58
N ARG B 43 -21.15 4.56 10.72
CA ARG B 43 -21.39 4.57 9.28
C ARG B 43 -20.47 3.61 8.52
N SER B 44 -19.87 2.64 9.19
CA SER B 44 -18.91 1.75 8.55
C SER B 44 -19.61 0.52 7.99
N VAL B 45 -19.04 -0.03 6.91
CA VAL B 45 -19.53 -1.27 6.32
C VAL B 45 -19.43 -2.43 7.33
N ALA B 46 -20.18 -3.49 7.06
CA ALA B 46 -20.32 -4.61 8.00
C ALA B 46 -18.96 -5.23 8.37
N LYS B 47 -18.11 -5.47 7.37
CA LYS B 47 -16.82 -6.12 7.63
C LYS B 47 -15.97 -5.31 8.60
N ARG B 48 -16.02 -3.98 8.48
CA ARG B 48 -15.26 -3.09 9.36
C ARG B 48 -15.88 -3.08 10.75
N ARG B 49 -17.22 -2.97 10.85
CA ARG B 49 -17.84 -3.04 12.17
C ARG B 49 -17.48 -4.34 12.86
N ASN B 50 -17.53 -5.45 12.13
CA ASN B 50 -17.30 -6.76 12.74
C ASN B 50 -15.89 -6.89 13.28
N GLU B 51 -14.88 -6.57 12.46
CA GLU B 51 -13.50 -6.71 12.93
C GLU B 51 -13.23 -5.78 14.10
N PHE B 52 -13.81 -4.58 14.06
CA PHE B 52 -13.61 -3.60 15.13
C PHE B 52 -14.17 -4.11 16.46
N ILE B 53 -15.39 -4.63 16.43
CA ILE B 53 -16.06 -5.12 17.64
C ILE B 53 -15.33 -6.35 18.19
N THR B 54 -15.00 -7.30 17.33
CA THR B 54 -14.38 -8.52 17.81
C THR B 54 -12.97 -8.27 18.35
N VAL B 55 -12.18 -7.46 17.65
CA VAL B 55 -10.82 -7.25 18.17
C VAL B 55 -10.86 -6.51 19.51
N ARG B 56 -11.83 -5.60 19.71
CA ARG B 56 -11.92 -4.94 21.01
C ARG B 56 -12.47 -5.85 22.11
N HIS B 57 -13.34 -6.79 21.76
CA HIS B 57 -13.67 -7.81 22.75
C HIS B 57 -12.42 -8.61 23.13
N CYS B 58 -11.58 -9.01 22.16
CA CYS B 58 -10.31 -9.64 22.50
C CYS B 58 -9.46 -8.75 23.40
N ALA B 59 -9.37 -7.45 23.08
CA ALA B 59 -8.57 -6.57 23.93
C ALA B 59 -9.09 -6.59 25.36
N ARG B 60 -10.41 -6.53 25.54
CA ARG B 60 -10.96 -6.51 26.89
C ARG B 60 -10.75 -7.84 27.61
N ILE B 61 -10.79 -8.96 26.88
CA ILE B 61 -10.45 -10.25 27.52
C ILE B 61 -9.01 -10.25 27.99
N ALA B 62 -8.11 -9.69 27.16
CA ALA B 62 -6.71 -9.63 27.55
C ALA B 62 -6.49 -8.68 28.73
N LEU B 63 -7.12 -7.49 28.68
CA LEU B 63 -6.96 -6.52 29.77
C LEU B 63 -7.52 -7.06 31.07
N ASP B 64 -8.58 -7.84 30.97
CA ASP B 64 -9.16 -8.43 32.19
C ASP B 64 -8.16 -9.32 32.91
N GLN B 65 -7.36 -10.12 32.17
CA GLN B 65 -6.34 -10.94 32.81
C GLN B 65 -5.34 -10.10 33.58
N LEU B 66 -5.11 -8.86 33.17
CA LEU B 66 -4.18 -8.00 33.86
C LEU B 66 -4.88 -7.14 34.91
N GLY B 67 -6.13 -7.46 35.26
CA GLY B 67 -6.80 -6.74 36.34
C GLY B 67 -7.51 -5.45 35.94
N VAL B 68 -7.75 -5.22 34.66
CA VAL B 68 -8.34 -3.97 34.18
C VAL B 68 -9.82 -4.16 33.88
N PRO B 69 -10.70 -3.28 34.37
CA PRO B 69 -12.12 -3.41 34.06
C PRO B 69 -12.39 -3.17 32.60
N PRO B 70 -13.48 -3.72 32.06
CA PRO B 70 -13.85 -3.48 30.66
C PRO B 70 -13.91 -2.00 30.36
N ALA B 71 -13.20 -1.60 29.32
CA ALA B 71 -13.02 -0.19 29.01
C ALA B 71 -13.09 -0.05 27.51
N PRO B 72 -13.56 1.09 27.02
CA PRO B 72 -13.55 1.33 25.58
C PRO B 72 -12.14 1.53 25.08
N ILE B 73 -11.89 1.09 23.84
CA ILE B 73 -10.59 1.31 23.23
C ILE B 73 -10.79 2.27 22.07
N LEU B 74 -10.60 3.57 22.33
CA LEU B 74 -10.78 4.57 21.29
C LEU B 74 -9.51 4.69 20.43
N LYS B 75 -9.53 5.60 19.47
CA LYS B 75 -8.44 5.74 18.51
C LYS B 75 -7.92 7.18 18.55
N GLY B 76 -6.60 7.33 18.50
CA GLY B 76 -5.95 8.61 18.48
C GLY B 76 -5.87 9.19 17.06
N ASP B 77 -5.10 10.29 16.97
CA ASP B 77 -5.05 11.11 15.75
C ASP B 77 -4.50 10.36 14.54
N LYS B 78 -3.55 9.45 14.75
CA LYS B 78 -3.04 8.59 13.68
C LYS B 78 -3.63 7.18 13.75
N GLY B 79 -4.83 7.03 14.34
CA GLY B 79 -5.51 5.75 14.41
C GLY B 79 -5.05 4.81 15.52
N GLU B 80 -4.04 5.19 16.30
CA GLU B 80 -3.46 4.32 17.28
C GLU B 80 -4.46 4.08 18.42
N PRO B 81 -4.45 2.87 18.99
CA PRO B 81 -5.40 2.57 20.07
C PRO B 81 -5.07 3.32 21.35
N CYS B 82 -6.12 3.73 22.06
CA CYS B 82 -5.96 4.42 23.34
C CYS B 82 -6.27 3.44 24.47
N TRP B 83 -5.23 3.07 25.21
CA TRP B 83 -5.29 2.05 26.25
C TRP B 83 -5.64 2.67 27.59
N PRO B 84 -6.18 1.87 28.51
CA PRO B 84 -6.42 2.35 29.87
C PRO B 84 -5.11 2.74 30.53
N ASP B 85 -5.19 3.54 31.59
CA ASP B 85 -4.00 4.02 32.28
C ASP B 85 -3.08 2.89 32.74
N GLY B 86 -1.79 3.08 32.51
CA GLY B 86 -0.77 2.15 32.94
C GLY B 86 -0.62 0.91 32.08
N MET B 87 -1.31 0.86 30.94
CA MET B 87 -1.30 -0.29 30.04
C MET B 87 -0.82 0.12 28.66
N VAL B 88 -0.23 -0.84 27.97
CA VAL B 88 0.15 -0.71 26.56
C VAL B 88 -0.41 -1.91 25.82
N GLY B 89 -0.43 -1.85 24.49
CA GLY B 89 -0.91 -3.02 23.78
C GLY B 89 -0.87 -2.83 22.28
N SER B 90 -1.32 -3.85 21.57
CA SER B 90 -1.44 -3.76 20.13
C SER B 90 -2.62 -4.62 19.66
N LEU B 91 -3.20 -4.21 18.53
CA LEU B 91 -4.31 -4.90 17.89
C LEU B 91 -3.96 -5.26 16.45
N THR B 92 -4.57 -6.35 15.95
CA THR B 92 -4.47 -6.64 14.53
C THR B 92 -5.71 -7.42 14.09
N HIS B 93 -6.12 -7.21 12.85
CA HIS B 93 -7.18 -8.02 12.25
C HIS B 93 -6.87 -8.26 10.78
N CYS B 94 -7.09 -9.48 10.33
CA CYS B 94 -7.00 -9.77 8.90
C CYS B 94 -8.06 -10.83 8.62
N ALA B 95 -8.14 -11.28 7.38
CA ALA B 95 -9.06 -12.37 7.11
C ALA B 95 -8.76 -13.55 8.03
N GLY B 96 -9.80 -14.00 8.75
CA GLY B 96 -9.67 -15.14 9.63
C GLY B 96 -8.97 -14.90 10.95
N TYR B 97 -8.77 -13.65 11.36
CA TYR B 97 -8.02 -13.46 12.59
C TYR B 97 -8.32 -12.12 13.23
N ARG B 98 -8.50 -12.13 14.54
CA ARG B 98 -8.52 -10.92 15.36
C ARG B 98 -7.65 -11.18 16.58
N GLY B 99 -6.72 -10.29 16.90
CA GLY B 99 -5.85 -10.54 18.05
C GLY B 99 -5.49 -9.28 18.80
N ALA B 100 -5.31 -9.42 20.10
CA ALA B 100 -4.90 -8.34 20.99
C ALA B 100 -3.85 -8.88 21.94
N VAL B 101 -2.81 -8.10 22.14
CA VAL B 101 -1.79 -8.35 23.15
C VAL B 101 -1.63 -7.09 23.95
N VAL B 102 -1.69 -7.19 25.29
CA VAL B 102 -1.58 -6.04 26.18
C VAL B 102 -0.54 -6.30 27.26
N GLY B 103 0.02 -5.21 27.79
CA GLY B 103 1.04 -5.33 28.83
C GLY B 103 0.90 -4.22 29.85
N ARG B 104 1.41 -4.50 31.06
CA ARG B 104 1.48 -3.48 32.12
C ARG B 104 2.68 -2.58 31.88
N ARG B 105 2.47 -1.27 31.84
CA ARG B 105 3.50 -0.37 31.32
C ARG B 105 4.76 -0.34 32.19
N ASP B 106 4.65 -0.64 33.49
CA ASP B 106 5.87 -0.67 34.30
C ASP B 106 6.83 -1.75 33.83
N ALA B 107 6.30 -2.90 33.41
CA ALA B 107 7.14 -4.01 32.98
C ALA B 107 7.31 -4.10 31.47
N VAL B 108 6.37 -3.52 30.72
CA VAL B 108 6.31 -3.65 29.26
C VAL B 108 6.27 -2.23 28.70
N ARG B 109 7.33 -1.81 28.02
CA ARG B 109 7.34 -0.46 27.50
C ARG B 109 6.41 -0.31 26.28
N SER B 110 6.35 -1.33 25.43
CA SER B 110 5.52 -1.25 24.23
C SER B 110 5.29 -2.63 23.65
N VAL B 111 4.19 -2.77 22.88
N VAL B 111 4.20 -2.82 22.91
CA VAL B 111 3.83 -3.99 22.16
CA VAL B 111 4.07 -4.02 22.12
C VAL B 111 3.46 -3.63 20.72
C VAL B 111 3.52 -3.65 20.75
N GLY B 112 3.87 -4.47 19.77
CA GLY B 112 3.29 -4.34 18.44
C GLY B 112 3.07 -5.73 17.89
N ILE B 113 1.92 -6.01 17.28
CA ILE B 113 1.64 -7.32 16.72
C ILE B 113 1.09 -7.12 15.30
N ASP B 114 1.19 -8.18 14.51
CA ASP B 114 0.53 -8.14 13.21
C ASP B 114 0.20 -9.55 12.77
N ALA B 115 -0.92 -9.69 12.05
CA ALA B 115 -1.30 -10.98 11.45
C ALA B 115 -1.70 -10.76 9.99
N GLU B 116 -1.25 -11.67 9.11
CA GLU B 116 -1.62 -11.64 7.71
C GLU B 116 -1.85 -13.05 7.22
N PRO B 117 -2.69 -13.22 6.20
CA PRO B 117 -2.72 -14.52 5.51
C PRO B 117 -1.36 -14.86 4.95
N HIS B 118 -1.01 -16.13 5.06
CA HIS B 118 0.29 -16.61 4.59
C HIS B 118 0.19 -16.89 3.10
N ASP B 119 0.19 -15.80 2.33
CA ASP B 119 0.12 -15.83 0.87
C ASP B 119 1.27 -14.98 0.33
N VAL B 120 1.72 -15.23 -0.89
CA VAL B 120 2.66 -14.31 -1.51
C VAL B 120 2.05 -12.89 -1.54
N LEU B 121 2.90 -11.89 -1.46
CA LEU B 121 2.42 -10.53 -1.59
C LEU B 121 1.94 -10.30 -3.01
N PRO B 122 0.94 -9.46 -3.18
CA PRO B 122 0.50 -9.05 -4.52
C PRO B 122 1.67 -8.43 -5.28
N ASN B 123 1.65 -8.57 -6.61
CA ASN B 123 2.73 -8.02 -7.42
C ASN B 123 2.90 -6.53 -7.15
N GLY B 124 4.16 -6.09 -7.01
CA GLY B 124 4.46 -4.68 -6.78
C GLY B 124 4.55 -4.26 -5.33
N VAL B 125 3.98 -5.05 -4.41
CA VAL B 125 3.95 -4.63 -3.00
C VAL B 125 5.32 -4.82 -2.35
N LEU B 126 6.02 -5.90 -2.67
CA LEU B 126 7.31 -6.15 -2.03
C LEU B 126 8.25 -4.96 -2.18
N ASP B 127 8.34 -4.40 -3.40
CA ASP B 127 9.26 -3.27 -3.57
C ASP B 127 8.88 -2.07 -2.69
N ALA B 128 7.59 -1.92 -2.38
CA ALA B 128 7.12 -0.80 -1.56
C ALA B 128 7.33 -1.01 -0.07
N ILE B 129 7.60 -2.23 0.40
CA ILE B 129 7.67 -2.46 1.84
C ILE B 129 9.04 -2.94 2.29
N SER B 130 10.00 -3.09 1.39
CA SER B 130 11.28 -3.70 1.72
C SER B 130 12.45 -2.80 1.32
N LEU B 131 13.64 -3.11 1.94
CA LEU B 131 14.96 -2.60 1.59
C LEU B 131 15.69 -3.59 0.69
N PRO B 132 16.62 -3.12 -0.13
CA PRO B 132 17.33 -4.05 -1.04
C PRO B 132 18.01 -5.22 -0.35
N ALA B 133 18.67 -4.97 0.80
CA ALA B 133 19.36 -6.03 1.50
C ALA B 133 18.38 -7.07 2.04
N GLU B 134 17.18 -6.65 2.42
CA GLU B 134 16.18 -7.62 2.85
C GLU B 134 15.77 -8.52 1.69
N ARG B 135 15.52 -7.94 0.53
CA ARG B 135 15.15 -8.81 -0.60
C ARG B 135 16.29 -9.74 -0.97
N ALA B 136 17.53 -9.29 -0.82
CA ALA B 136 18.66 -10.13 -1.21
C ALA B 136 18.94 -11.23 -0.18
N ASP B 137 18.80 -10.92 1.11
CA ASP B 137 19.27 -11.81 2.17
C ASP B 137 18.20 -12.68 2.78
N MET B 138 16.96 -12.22 2.81
CA MET B 138 15.97 -12.97 3.57
C MET B 138 15.64 -14.35 3.01
N PRO B 139 15.58 -14.54 1.68
CA PRO B 139 15.27 -15.90 1.17
C PRO B 139 16.19 -16.99 1.71
N ARG B 140 17.47 -16.67 1.90
CA ARG B 140 18.43 -17.67 2.36
C ARG B 140 18.28 -17.99 3.84
N THR B 141 17.67 -17.11 4.63
CA THR B 141 17.62 -17.33 6.07
C THR B 141 16.31 -17.97 6.47
N MET B 142 15.39 -18.14 5.52
CA MET B 142 14.04 -18.61 5.73
C MET B 142 13.81 -19.94 5.00
N PRO B 143 12.92 -20.78 5.51
CA PRO B 143 12.67 -22.07 4.85
C PRO B 143 12.08 -21.93 3.46
N ALA B 144 12.41 -22.89 2.60
CA ALA B 144 11.92 -22.85 1.23
C ALA B 144 10.38 -22.86 1.20
N ALA B 145 9.84 -22.17 0.20
CA ALA B 145 8.42 -22.13 -0.15
C ALA B 145 7.57 -21.28 0.80
N LEU B 146 8.08 -20.94 2.00
CA LEU B 146 7.33 -20.01 2.82
C LEU B 146 7.38 -18.62 2.20
N HIS B 147 6.36 -17.80 2.50
CA HIS B 147 6.26 -16.50 1.84
C HIS B 147 7.04 -15.49 2.66
N TRP B 148 8.37 -15.52 2.45
CA TRP B 148 9.26 -14.65 3.21
C TRP B 148 8.90 -13.17 3.02
N ASP B 149 8.34 -12.82 1.85
CA ASP B 149 7.93 -11.45 1.55
C ASP B 149 6.77 -11.02 2.45
N ARG B 150 5.77 -11.90 2.60
CA ARG B 150 4.67 -11.61 3.53
C ARG B 150 5.16 -11.55 4.98
N ILE B 151 6.09 -12.42 5.34
CA ILE B 151 6.60 -12.40 6.72
C ILE B 151 7.35 -11.10 6.99
N LEU B 152 8.20 -10.66 6.04
CA LEU B 152 8.85 -9.36 6.16
C LEU B 152 7.83 -8.25 6.37
N PHE B 153 6.77 -8.23 5.54
CA PHE B 153 5.77 -7.19 5.66
C PHE B 153 5.16 -7.22 7.06
N CYS B 154 4.82 -8.42 7.55
N CYS B 154 4.79 -8.41 7.55
CA CYS B 154 4.24 -8.57 8.88
CA CYS B 154 4.24 -8.49 8.90
C CYS B 154 5.20 -8.03 9.95
C CYS B 154 5.21 -7.94 9.93
N ALA B 155 6.50 -8.25 9.79
CA ALA B 155 7.48 -7.76 10.74
C ALA B 155 7.59 -6.24 10.66
N LYS B 156 7.50 -5.66 9.45
CA LYS B 156 7.48 -4.20 9.37
C LYS B 156 6.28 -3.62 10.11
N GLU B 157 5.11 -4.27 9.98
CA GLU B 157 3.91 -3.74 10.63
C GLU B 157 4.00 -3.84 12.14
N ALA B 158 4.45 -4.99 12.69
CA ALA B 158 4.62 -5.05 14.16
C ALA B 158 5.63 -4.01 14.63
N THR B 159 6.66 -3.75 13.81
CA THR B 159 7.67 -2.74 14.16
C THR B 159 7.02 -1.36 14.28
N TYR B 160 6.23 -0.97 13.29
CA TYR B 160 5.59 0.34 13.34
C TYR B 160 4.67 0.46 14.54
N LYS B 161 3.96 -0.62 14.86
CA LYS B 161 2.98 -0.53 15.94
C LYS B 161 3.65 -0.48 17.30
N ALA B 162 4.84 -1.08 17.45
CA ALA B 162 5.57 -0.93 18.71
C ALA B 162 6.28 0.42 18.80
N TRP B 163 6.68 0.94 17.63
CA TRP B 163 7.36 2.23 17.50
C TRP B 163 6.47 3.42 17.81
N PHE B 164 5.28 3.46 17.20
CA PHE B 164 4.53 4.70 17.14
C PHE B 164 4.08 5.20 18.52
N PRO B 165 3.58 4.36 19.42
CA PRO B 165 3.17 4.87 20.74
C PRO B 165 4.31 5.50 21.53
N LEU B 166 5.58 5.16 21.24
CA LEU B 166 6.73 5.67 21.95
C LEU B 166 7.29 6.94 21.31
N THR B 167 7.06 7.14 20.01
CA THR B 167 7.64 8.27 19.28
C THR B 167 6.62 9.27 18.81
N LYS B 168 5.40 8.80 18.52
CA LYS B 168 4.36 9.58 17.84
C LYS B 168 4.86 10.15 16.53
N ARG B 169 5.77 9.44 15.88
CA ARG B 169 6.32 9.86 14.60
C ARG B 169 6.13 8.77 13.56
N TRP B 170 6.11 9.19 12.30
CA TRP B 170 6.11 8.26 11.17
C TRP B 170 7.35 7.37 11.19
N LEU B 171 7.17 6.13 10.73
CA LEU B 171 8.28 5.24 10.42
C LEU B 171 7.98 4.66 9.05
N GLY B 172 8.84 4.92 8.09
CA GLY B 172 8.57 4.38 6.76
C GLY B 172 9.07 2.95 6.63
N PHE B 173 8.63 2.26 5.56
CA PHE B 173 9.14 0.89 5.34
C PHE B 173 10.63 0.87 5.07
N GLU B 174 11.20 1.96 4.55
CA GLU B 174 12.63 2.04 4.31
C GLU B 174 13.41 2.49 5.56
N ASP B 175 12.72 2.73 6.67
CA ASP B 175 13.38 3.28 7.83
C ASP B 175 13.79 2.24 8.87
N ALA B 176 13.50 0.97 8.63
CA ALA B 176 13.88 -0.08 9.56
C ALA B 176 14.38 -1.26 8.75
N HIS B 177 15.56 -1.77 9.11
CA HIS B 177 16.17 -2.91 8.43
C HIS B 177 15.91 -4.13 9.30
N ILE B 178 15.26 -5.16 8.75
CA ILE B 178 14.85 -6.30 9.56
C ILE B 178 15.63 -7.53 9.09
N THR B 179 16.24 -8.23 10.04
N THR B 179 16.28 -8.20 10.05
CA THR B 179 16.96 -9.46 9.73
CA THR B 179 17.02 -9.43 9.85
C THR B 179 16.38 -10.60 10.54
C THR B 179 16.26 -10.58 10.49
N PHE B 180 16.38 -11.78 9.92
CA PHE B 180 15.61 -12.94 10.40
C PHE B 180 16.50 -14.14 10.72
N GLU B 181 16.05 -14.94 11.69
CA GLU B 181 16.56 -16.27 11.97
C GLU B 181 15.40 -17.25 12.03
N THR B 182 15.67 -18.51 11.73
CA THR B 182 14.65 -19.55 11.74
C THR B 182 14.99 -20.57 12.81
N ASP B 183 13.99 -21.01 13.57
CA ASP B 183 14.22 -22.08 14.53
C ASP B 183 14.44 -23.41 13.81
N SER B 184 14.98 -24.38 14.55
CA SER B 184 15.27 -25.69 13.95
C SER B 184 14.04 -26.35 13.34
N THR B 185 12.85 -26.07 13.88
CA THR B 185 11.63 -26.72 13.42
C THR B 185 11.02 -26.07 12.18
N GLY B 186 11.51 -24.92 11.75
CA GLY B 186 11.30 -24.48 10.39
C GLY B 186 10.10 -23.60 10.13
N TRP B 187 9.17 -23.42 11.08
CA TRP B 187 8.02 -22.56 10.79
C TRP B 187 7.90 -21.40 11.78
N THR B 188 8.93 -21.16 12.58
N THR B 188 9.01 -21.05 12.44
CA THR B 188 8.99 -20.06 13.52
CA THR B 188 9.01 -20.13 13.56
C THR B 188 10.40 -19.53 13.56
C THR B 188 10.42 -19.63 13.80
N GLY B 189 10.56 -18.36 14.16
CA GLY B 189 11.88 -17.82 14.40
C GLY B 189 11.84 -16.41 14.95
N ARG B 190 13.02 -15.81 14.99
CA ARG B 190 13.24 -14.49 15.55
C ARG B 190 13.54 -13.48 14.45
N PHE B 191 13.30 -12.19 14.76
CA PHE B 191 13.78 -11.14 13.90
C PHE B 191 14.28 -9.98 14.73
N VAL B 192 15.09 -9.13 14.12
CA VAL B 192 15.59 -7.93 14.77
C VAL B 192 15.33 -6.77 13.82
N SER B 193 14.60 -5.75 14.28
CA SER B 193 14.37 -4.54 13.50
C SER B 193 15.33 -3.46 13.98
N ARG B 194 16.16 -2.96 13.08
CA ARG B 194 17.04 -1.85 13.41
C ARG B 194 16.51 -0.56 12.81
N ILE B 195 16.18 0.40 13.67
CA ILE B 195 15.69 1.69 13.24
C ILE B 195 16.85 2.45 12.62
N LEU B 196 16.66 2.95 11.40
CA LEU B 196 17.78 3.65 10.77
C LEU B 196 17.76 5.16 11.02
N ILE B 197 16.60 5.71 11.37
CA ILE B 197 16.36 7.13 11.57
C ILE B 197 16.46 7.39 13.06
N ASP B 198 16.29 8.64 13.47
CA ASP B 198 16.41 8.96 14.89
C ASP B 198 15.30 8.27 15.66
N GLY B 199 15.67 7.57 16.74
CA GLY B 199 14.68 6.82 17.50
C GLY B 199 14.34 7.45 18.83
N SER B 200 14.51 8.78 18.92
CA SER B 200 14.13 9.48 20.15
C SER B 200 12.67 9.22 20.49
N THR B 201 12.40 8.99 21.77
CA THR B 201 11.07 8.66 22.27
C THR B 201 10.56 9.80 23.16
N LEU B 202 9.26 9.75 23.43
CA LEU B 202 8.63 10.74 24.33
C LEU B 202 9.18 10.64 25.74
N SER B 203 9.49 9.41 26.18
CA SER B 203 10.10 9.15 27.47
C SER B 203 11.05 7.97 27.34
N GLY B 204 12.05 7.94 28.22
CA GLY B 204 12.95 6.81 28.29
C GLY B 204 14.00 6.88 27.19
N PRO B 205 14.76 5.82 27.05
CA PRO B 205 15.91 5.80 26.11
C PRO B 205 15.47 5.65 24.67
N PRO B 206 16.31 6.05 23.72
CA PRO B 206 15.91 6.01 22.32
C PRO B 206 15.81 4.57 21.81
N LEU B 207 14.98 4.41 20.77
CA LEU B 207 14.79 3.11 20.13
C LEU B 207 15.92 2.91 19.14
N THR B 208 16.59 1.76 19.23
CA THR B 208 17.58 1.41 18.20
C THR B 208 17.24 0.07 17.57
N THR B 209 17.14 -0.98 18.37
N THR B 209 17.25 -1.01 18.32
CA THR B 209 16.88 -2.34 17.90
CA THR B 209 16.82 -2.30 17.82
C THR B 209 15.63 -2.87 18.60
C THR B 209 15.56 -2.75 18.55
N LEU B 210 14.72 -3.45 17.83
CA LEU B 210 13.50 -4.04 18.37
C LEU B 210 13.54 -5.52 18.01
N ARG B 211 13.54 -6.39 19.03
CA ARG B 211 13.60 -7.83 18.79
C ARG B 211 12.17 -8.40 18.80
N GLY B 212 11.87 -9.25 17.83
CA GLY B 212 10.54 -9.81 17.70
C GLY B 212 10.62 -11.28 17.35
N ARG B 213 9.45 -11.88 17.16
CA ARG B 213 9.31 -13.26 16.75
C ARG B 213 8.28 -13.35 15.65
N TRP B 214 8.43 -14.36 14.80
CA TRP B 214 7.48 -14.62 13.73
C TRP B 214 7.10 -16.09 13.77
N SER B 215 5.92 -16.39 13.23
CA SER B 215 5.40 -17.75 13.16
C SER B 215 4.45 -17.89 11.98
N VAL B 216 4.55 -19.02 11.28
CA VAL B 216 3.60 -19.36 10.23
C VAL B 216 2.84 -20.59 10.71
N GLU B 217 1.52 -20.48 10.76
CA GLU B 217 0.70 -21.57 11.29
C GLU B 217 -0.75 -21.34 10.91
N ARG B 218 -1.45 -22.41 10.46
CA ARG B 218 -2.87 -22.37 10.12
C ARG B 218 -3.18 -21.34 9.03
N GLY B 219 -2.24 -21.11 8.11
CA GLY B 219 -2.51 -20.21 7.00
C GLY B 219 -2.32 -18.74 7.32
N LEU B 220 -1.71 -18.44 8.45
CA LEU B 220 -1.50 -17.07 8.93
C LEU B 220 -0.04 -16.85 9.29
N VAL B 221 0.44 -15.65 9.02
CA VAL B 221 1.69 -15.18 9.59
C VAL B 221 1.32 -14.35 10.79
N LEU B 222 1.95 -14.61 11.93
CA LEU B 222 1.91 -13.77 13.12
C LEU B 222 3.29 -13.19 13.42
N THR B 223 3.35 -11.91 13.79
CA THR B 223 4.57 -11.34 14.32
C THR B 223 4.23 -10.56 15.58
N ALA B 224 5.20 -10.48 16.49
CA ALA B 224 5.03 -9.67 17.69
C ALA B 224 6.39 -9.15 18.18
N ILE B 225 6.36 -7.94 18.71
CA ILE B 225 7.46 -7.31 19.42
C ILE B 225 6.94 -6.93 20.80
N VAL B 226 7.66 -7.34 21.84
CA VAL B 226 7.37 -6.92 23.21
C VAL B 226 8.64 -6.30 23.75
N LEU B 227 8.61 -5.00 24.01
CA LEU B 227 9.76 -4.28 24.52
C LEU B 227 9.67 -4.20 26.04
N ALA B 228 10.70 -4.67 26.73
CA ALA B 228 10.74 -4.60 28.19
C ALA B 228 10.81 -3.15 28.68
N GLY B 229 10.17 -2.90 29.81
CA GLY B 229 10.18 -1.56 30.40
C GLY B 229 11.36 -1.33 31.32
#